data_2ADU
#
_entry.id   2ADU
#
_cell.length_a   89.819
_cell.length_b   99.264
_cell.length_c   101.282
_cell.angle_alpha   90.00
_cell.angle_beta   90.00
_cell.angle_gamma   90.00
#
_symmetry.space_group_name_H-M   'C 2 2 21'
#
loop_
_entity.id
_entity.type
_entity.pdbx_description
1 polymer 'Methionine aminopeptidase 2'
2 non-polymer 'COBALT (II) ION'
3 non-polymer 4-(3-METHYLPHENYL)-1H-1,2,3-TRIAZOLE
4 water water
#
_entity_poly.entity_id   1
_entity_poly.type   'polypeptide(L)'
_entity_poly.pdbx_seq_one_letter_code
;KVQTDPPSVPICDLYPNGVFPKGQECEYPPTQDGRTAAWRTTSEEKKALDQASEEIWNDFREAAEAHRQVRKYVMSWIKP
GMTMIEICEKLEDCSRKLIKENGLNAGLAFPTGCSLNNCAAHYTPNAGDTTVLQYDDICKIDFGTHISGRIIDCAFTVTF
NPKYDTLLKAVKDATNTGIKCAGIDVRLCDVGEAIQEVMESYEVEIDGKTYQVKPIRNLNGHSIGQYRIHAGKTVPIIKG
GEATRMEEGEVYAIETFGSTGKGVVHDDMECSHYMKNFDVGHVPIRLPRTKHLLNVINENFGTLAFCRRWLDRLGESKYL
MALKNLCDLGIVDPYPPLCDIKGSYTAQFEHTILLRPTCKEVVSRGDDY
;
_entity_poly.pdbx_strand_id   A
#
loop_
_chem_comp.id
_chem_comp.type
_chem_comp.name
_chem_comp.formula
CO non-polymer 'COBALT (II) ION' 'Co 2'
R20 non-polymer 4-(3-METHYLPHENYL)-1H-1,2,3-TRIAZOLE 'C9 H9 N3'
#
# COMPACT_ATOMS: atom_id res chain seq x y z
N LYS A 1 17.29 -12.53 -18.58
CA LYS A 1 16.50 -12.80 -19.82
C LYS A 1 15.63 -11.59 -20.11
N VAL A 2 14.53 -11.83 -20.82
CA VAL A 2 13.58 -10.77 -21.15
C VAL A 2 12.21 -11.23 -20.70
N GLN A 3 11.60 -10.47 -19.80
CA GLN A 3 10.29 -10.78 -19.24
C GLN A 3 9.29 -11.26 -20.29
N THR A 4 8.48 -12.26 -19.94
CA THR A 4 7.48 -12.83 -20.84
C THR A 4 6.16 -12.07 -20.79
N ASP A 5 5.24 -12.36 -21.71
CA ASP A 5 3.95 -11.67 -21.70
C ASP A 5 3.37 -11.85 -20.31
N PRO A 6 2.73 -13.01 -20.04
CA PRO A 6 2.22 -13.09 -18.67
C PRO A 6 3.47 -13.25 -17.80
N PRO A 7 3.78 -12.26 -16.94
CA PRO A 7 4.95 -12.29 -16.07
C PRO A 7 5.25 -13.66 -15.47
N SER A 8 6.53 -13.99 -15.40
CA SER A 8 6.95 -15.28 -14.85
C SER A 8 8.46 -15.27 -14.58
N VAL A 9 9.16 -14.29 -15.15
CA VAL A 9 10.60 -14.18 -14.97
C VAL A 9 10.92 -13.26 -13.79
N PRO A 10 11.37 -13.84 -12.67
CA PRO A 10 11.69 -13.01 -11.50
C PRO A 10 12.53 -11.79 -11.86
N ILE A 11 12.35 -10.72 -11.11
CA ILE A 11 13.09 -9.49 -11.34
C ILE A 11 14.60 -9.69 -11.14
N CYS A 12 14.98 -10.65 -10.29
CA CYS A 12 16.39 -10.87 -10.07
C CYS A 12 17.03 -11.66 -11.22
N ASP A 13 16.19 -12.35 -12.01
CA ASP A 13 16.67 -13.10 -13.16
C ASP A 13 16.76 -12.21 -14.41
N LEU A 14 16.26 -10.97 -14.30
CA LEU A 14 16.29 -10.01 -15.41
C LEU A 14 17.42 -9.01 -15.22
N TYR A 15 18.05 -9.05 -14.05
CA TYR A 15 19.15 -8.17 -13.70
C TYR A 15 20.22 -8.99 -12.99
N PRO A 16 20.92 -9.86 -13.74
CA PRO A 16 21.98 -10.77 -13.30
C PRO A 16 23.06 -10.19 -12.39
N ASN A 17 23.37 -8.92 -12.58
CA ASN A 17 24.41 -8.28 -11.77
C ASN A 17 23.92 -7.88 -10.38
N GLY A 18 22.62 -7.92 -10.17
CA GLY A 18 22.08 -7.57 -8.88
C GLY A 18 21.78 -6.09 -8.70
N VAL A 19 22.07 -5.31 -9.73
CA VAL A 19 21.81 -3.87 -9.68
C VAL A 19 20.45 -3.62 -10.35
N PHE A 20 19.53 -3.00 -9.61
CA PHE A 20 18.20 -2.73 -10.13
C PHE A 20 17.92 -1.27 -10.46
N PRO A 21 17.08 -1.02 -11.47
CA PRO A 21 16.68 0.30 -11.95
C PRO A 21 16.30 1.25 -10.82
N LYS A 22 16.71 2.51 -10.94
CA LYS A 22 16.37 3.49 -9.93
C LYS A 22 15.05 4.13 -10.32
N GLY A 23 14.31 4.62 -9.35
CA GLY A 23 13.05 5.28 -9.64
C GLY A 23 13.39 6.70 -10.07
N GLN A 24 12.39 7.58 -10.06
CA GLN A 24 12.63 8.96 -10.44
C GLN A 24 13.44 9.66 -9.36
N GLU A 25 14.48 10.39 -9.78
CA GLU A 25 15.33 11.12 -8.84
C GLU A 25 15.08 12.63 -8.95
N CYS A 26 14.65 13.23 -7.84
CA CYS A 26 14.37 14.67 -7.79
C CYS A 26 15.24 15.35 -6.74
N GLU A 27 15.46 16.66 -6.91
CA GLU A 27 16.26 17.44 -5.98
C GLU A 27 15.32 17.99 -4.92
N TYR A 28 15.79 18.02 -3.69
CA TYR A 28 14.98 18.52 -2.58
C TYR A 28 14.48 19.96 -2.81
N PRO A 29 13.24 20.26 -2.39
CA PRO A 29 12.70 21.61 -2.57
C PRO A 29 13.38 22.64 -1.64
N GLU A 44 30.96 12.65 -2.64
CA GLU A 44 31.49 13.39 -1.50
C GLU A 44 30.88 12.90 -0.18
N GLU A 45 30.78 13.77 0.81
CA GLU A 45 30.22 13.37 2.11
C GLU A 45 28.82 12.80 1.95
N LYS A 46 27.84 13.68 1.74
CA LYS A 46 26.46 13.23 1.58
C LYS A 46 26.32 12.19 0.49
N LYS A 47 27.36 12.00 -0.32
CA LYS A 47 27.32 11.01 -1.40
C LYS A 47 27.91 9.70 -0.89
N ALA A 48 28.87 9.80 0.01
CA ALA A 48 29.51 8.61 0.58
C ALA A 48 28.44 7.90 1.41
N LEU A 49 27.68 8.71 2.15
CA LEU A 49 26.60 8.24 3.00
C LEU A 49 25.55 7.51 2.17
N ASP A 50 25.19 8.11 1.03
CA ASP A 50 24.21 7.52 0.13
C ASP A 50 24.75 6.17 -0.34
N GLN A 51 25.99 6.16 -0.80
CA GLN A 51 26.63 4.93 -1.28
C GLN A 51 26.77 3.86 -0.19
N ALA A 52 26.83 4.29 1.07
CA ALA A 52 26.97 3.37 2.19
C ALA A 52 25.76 2.45 2.32
N SER A 53 24.57 3.00 2.12
CA SER A 53 23.33 2.22 2.22
C SER A 53 22.83 1.80 0.84
N GLU A 54 23.75 1.60 -0.09
CA GLU A 54 23.40 1.22 -1.46
C GLU A 54 22.64 -0.11 -1.58
N GLU A 55 23.04 -1.10 -0.78
CA GLU A 55 22.38 -2.40 -0.81
C GLU A 55 20.93 -2.27 -0.33
N ILE A 56 20.69 -1.31 0.58
CA ILE A 56 19.35 -1.09 1.07
C ILE A 56 18.48 -0.47 -0.02
N TRP A 57 18.98 0.59 -0.64
CA TRP A 57 18.24 1.25 -1.71
C TRP A 57 17.97 0.24 -2.81
N ASN A 58 18.99 -0.52 -3.15
CA ASN A 58 18.89 -1.53 -4.20
C ASN A 58 17.76 -2.52 -3.93
N ASP A 59 17.58 -2.88 -2.67
CA ASP A 59 16.52 -3.81 -2.29
C ASP A 59 15.17 -3.16 -2.54
N PHE A 60 15.07 -1.88 -2.19
CA PHE A 60 13.83 -1.16 -2.44
C PHE A 60 13.53 -1.19 -3.93
N ARG A 61 14.54 -0.95 -4.76
CA ARG A 61 14.36 -0.94 -6.22
C ARG A 61 13.91 -2.27 -6.81
N GLU A 62 14.49 -3.36 -6.32
CA GLU A 62 14.10 -4.67 -6.82
C GLU A 62 12.62 -4.91 -6.51
N ALA A 63 12.20 -4.49 -5.32
CA ALA A 63 10.81 -4.64 -4.92
C ALA A 63 9.89 -3.75 -5.76
N ALA A 64 10.40 -2.59 -6.17
CA ALA A 64 9.62 -1.66 -7.00
C ALA A 64 9.44 -2.17 -8.42
N GLU A 65 10.50 -2.76 -8.95
CA GLU A 65 10.44 -3.30 -10.30
C GLU A 65 9.41 -4.42 -10.31
N ALA A 66 9.33 -5.16 -9.21
CA ALA A 66 8.34 -6.24 -9.14
C ALA A 66 6.96 -5.57 -9.15
N HIS A 67 6.82 -4.51 -8.36
CA HIS A 67 5.57 -3.78 -8.27
C HIS A 67 5.12 -3.17 -9.61
N ARG A 68 6.07 -2.57 -10.34
CA ARG A 68 5.75 -1.95 -11.62
C ARG A 68 5.27 -2.93 -12.68
N GLN A 69 5.89 -4.10 -12.75
CA GLN A 69 5.49 -5.10 -13.74
C GLN A 69 4.21 -5.81 -13.32
N VAL A 70 4.01 -6.00 -12.02
CA VAL A 70 2.79 -6.64 -11.55
C VAL A 70 1.56 -5.79 -11.86
N ARG A 71 1.64 -4.50 -11.54
CA ARG A 71 0.49 -3.63 -11.77
C ARG A 71 0.16 -3.44 -13.25
N LYS A 72 1.18 -3.42 -14.10
CA LYS A 72 0.96 -3.24 -15.53
C LYS A 72 0.22 -4.47 -16.06
N TYR A 73 0.52 -5.62 -15.47
CA TYR A 73 -0.11 -6.88 -15.84
C TYR A 73 -1.59 -6.76 -15.42
N VAL A 74 -1.82 -6.37 -14.17
CA VAL A 74 -3.17 -6.21 -13.65
C VAL A 74 -4.01 -5.29 -14.53
N MET A 75 -3.47 -4.11 -14.85
CA MET A 75 -4.20 -3.17 -15.67
C MET A 75 -4.55 -3.76 -17.03
N SER A 76 -3.86 -4.83 -17.42
CA SER A 76 -4.12 -5.45 -18.72
C SER A 76 -5.34 -6.35 -18.75
N TRP A 77 -5.71 -6.91 -17.60
CA TRP A 77 -6.86 -7.80 -17.58
C TRP A 77 -7.97 -7.45 -16.60
N ILE A 78 -7.71 -6.59 -15.62
CA ILE A 78 -8.76 -6.25 -14.67
C ILE A 78 -9.95 -5.70 -15.44
N LYS A 79 -11.10 -6.37 -15.28
CA LYS A 79 -12.32 -5.98 -15.98
C LYS A 79 -13.54 -6.29 -15.14
N PRO A 80 -14.60 -5.47 -15.28
CA PRO A 80 -15.78 -5.80 -14.47
C PRO A 80 -16.24 -7.18 -14.92
N GLY A 81 -16.88 -7.92 -14.03
CA GLY A 81 -17.32 -9.26 -14.36
C GLY A 81 -16.50 -10.27 -13.56
N MET A 82 -15.27 -9.88 -13.22
CA MET A 82 -14.40 -10.73 -12.42
C MET A 82 -14.75 -10.57 -10.95
N THR A 83 -14.60 -11.64 -10.18
CA THR A 83 -14.89 -11.57 -8.76
C THR A 83 -13.70 -10.87 -8.12
N MET A 84 -13.87 -10.36 -6.91
CA MET A 84 -12.78 -9.67 -6.24
C MET A 84 -11.71 -10.69 -5.83
N ILE A 85 -12.12 -11.93 -5.57
CA ILE A 85 -11.17 -12.97 -5.20
C ILE A 85 -10.29 -13.36 -6.39
N GLU A 86 -10.87 -13.46 -7.58
CA GLU A 86 -10.09 -13.81 -8.77
C GLU A 86 -9.04 -12.74 -9.07
N ILE A 87 -9.42 -11.47 -8.91
CA ILE A 87 -8.51 -10.37 -9.16
C ILE A 87 -7.32 -10.42 -8.21
N CYS A 88 -7.60 -10.64 -6.93
CA CYS A 88 -6.56 -10.68 -5.92
C CYS A 88 -5.64 -11.90 -6.04
N GLU A 89 -6.21 -13.06 -6.35
CA GLU A 89 -5.41 -14.27 -6.45
C GLU A 89 -4.52 -14.24 -7.71
N LYS A 90 -5.02 -13.63 -8.77
CA LYS A 90 -4.26 -13.51 -10.02
C LYS A 90 -3.14 -12.50 -9.84
N LEU A 91 -3.43 -11.41 -9.13
CA LEU A 91 -2.44 -10.38 -8.89
C LEU A 91 -1.35 -10.92 -7.97
N GLU A 92 -1.77 -11.56 -6.88
CA GLU A 92 -0.83 -12.12 -5.92
C GLU A 92 0.05 -13.22 -6.52
N ASP A 93 -0.52 -14.05 -7.38
CA ASP A 93 0.25 -15.12 -8.00
C ASP A 93 1.41 -14.54 -8.79
N CYS A 94 1.11 -13.54 -9.60
CA CYS A 94 2.13 -12.89 -10.39
C CYS A 94 3.16 -12.23 -9.48
N SER A 95 2.67 -11.55 -8.44
CA SER A 95 3.53 -10.86 -7.49
C SER A 95 4.49 -11.83 -6.81
N ARG A 96 4.01 -13.01 -6.42
CA ARG A 96 4.88 -13.98 -5.78
C ARG A 96 5.98 -14.42 -6.75
N LYS A 97 5.60 -14.65 -8.00
CA LYS A 97 6.54 -15.06 -9.03
C LYS A 97 7.65 -14.03 -9.30
N LEU A 98 7.28 -12.80 -9.61
CA LEU A 98 8.27 -11.78 -9.90
C LEU A 98 9.17 -11.39 -8.72
N ILE A 99 8.62 -11.38 -7.51
CA ILE A 99 9.39 -11.03 -6.31
C ILE A 99 10.19 -12.25 -5.88
N LYS A 100 9.91 -13.38 -6.54
CA LYS A 100 10.57 -14.65 -6.25
C LYS A 100 10.49 -14.94 -4.76
N GLU A 101 9.27 -14.97 -4.24
CA GLU A 101 9.01 -15.20 -2.82
C GLU A 101 9.93 -16.24 -2.18
N ASN A 102 10.51 -15.85 -1.05
CA ASN A 102 11.40 -16.72 -0.30
C ASN A 102 11.25 -16.44 1.19
N GLY A 103 10.24 -17.09 1.80
CA GLY A 103 10.00 -16.89 3.22
C GLY A 103 9.84 -15.41 3.52
N LEU A 104 10.62 -14.93 4.49
CA LEU A 104 10.59 -13.53 4.90
C LEU A 104 11.72 -12.75 4.23
N ASN A 105 12.45 -13.42 3.33
CA ASN A 105 13.56 -12.79 2.63
C ASN A 105 13.06 -12.04 1.41
N ALA A 106 11.92 -12.49 0.87
CA ALA A 106 11.31 -11.85 -0.30
C ALA A 106 9.87 -12.31 -0.39
N GLY A 107 8.94 -11.39 -0.61
CA GLY A 107 7.53 -11.77 -0.71
C GLY A 107 6.54 -10.62 -0.78
N LEU A 108 5.31 -10.86 -0.32
CA LEU A 108 4.28 -9.83 -0.33
C LEU A 108 4.28 -9.14 1.03
N ALA A 109 4.38 -7.81 1.01
CA ALA A 109 4.42 -7.02 2.24
C ALA A 109 3.10 -6.90 2.98
N PHE A 110 2.00 -7.01 2.24
CA PHE A 110 0.66 -6.91 2.82
C PHE A 110 -0.38 -7.36 1.79
N PRO A 111 -1.60 -7.69 2.25
CA PRO A 111 -2.71 -8.14 1.39
C PRO A 111 -3.07 -7.16 0.27
N THR A 112 -3.65 -7.68 -0.81
CA THR A 112 -4.03 -6.84 -1.94
C THR A 112 -5.31 -6.08 -1.61
N GLY A 113 -5.16 -4.79 -1.38
CA GLY A 113 -6.33 -3.99 -1.10
C GLY A 113 -7.02 -3.75 -2.43
N CYS A 114 -8.34 -3.87 -2.44
CA CYS A 114 -9.13 -3.65 -3.64
C CYS A 114 -10.46 -3.02 -3.21
N SER A 115 -10.38 -2.15 -2.19
CA SER A 115 -11.53 -1.45 -1.64
C SER A 115 -12.40 -0.81 -2.71
N LEU A 116 -13.71 -1.00 -2.56
CA LEU A 116 -14.67 -0.51 -3.53
C LEU A 116 -15.56 0.66 -3.13
N ASN A 117 -15.73 1.59 -4.06
CA ASN A 117 -16.61 2.73 -3.89
C ASN A 117 -16.39 3.61 -2.65
N ASN A 118 -17.34 3.63 -1.73
CA ASN A 118 -17.19 4.45 -0.54
C ASN A 118 -16.11 3.89 0.37
N CYS A 119 -15.71 2.64 0.12
CA CYS A 119 -14.65 2.05 0.94
C CYS A 119 -13.31 2.43 0.35
N ALA A 120 -12.48 3.07 1.16
CA ALA A 120 -11.20 3.59 0.73
C ALA A 120 -9.99 2.67 0.88
N ALA A 121 -9.92 1.92 1.97
CA ALA A 121 -8.76 1.08 2.18
C ALA A 121 -9.03 -0.13 3.06
N HIS A 122 -8.03 -1.00 3.13
CA HIS A 122 -8.07 -2.17 3.97
C HIS A 122 -9.13 -3.22 3.70
N TYR A 123 -9.61 -3.28 2.47
CA TYR A 123 -10.57 -4.30 2.09
C TYR A 123 -9.94 -5.25 1.10
N THR A 124 -10.03 -6.54 1.41
CA THR A 124 -9.56 -7.59 0.51
C THR A 124 -10.59 -8.68 0.84
N PRO A 125 -11.01 -9.44 -0.16
CA PRO A 125 -11.99 -10.51 0.09
C PRO A 125 -11.49 -11.66 0.95
N ASN A 126 -12.36 -12.19 1.80
CA ASN A 126 -12.03 -13.35 2.62
C ASN A 126 -12.64 -14.50 1.84
N ALA A 127 -12.48 -15.72 2.33
CA ALA A 127 -13.02 -16.90 1.64
C ALA A 127 -14.54 -16.80 1.59
N GLY A 128 -15.12 -17.16 0.45
CA GLY A 128 -16.57 -17.12 0.32
C GLY A 128 -17.16 -15.80 -0.16
N ASP A 129 -16.33 -14.76 -0.27
CA ASP A 129 -16.83 -13.47 -0.72
C ASP A 129 -17.19 -13.58 -2.21
N THR A 130 -18.46 -13.32 -2.54
CA THR A 130 -18.89 -13.43 -3.93
C THR A 130 -19.02 -12.10 -4.64
N THR A 131 -18.40 -11.06 -4.10
CA THR A 131 -18.46 -9.75 -4.73
C THR A 131 -17.88 -9.78 -6.14
N VAL A 132 -18.56 -9.13 -7.08
CA VAL A 132 -18.09 -9.05 -8.46
C VAL A 132 -17.81 -7.61 -8.83
N LEU A 133 -16.69 -7.36 -9.50
CA LEU A 133 -16.33 -6.01 -9.92
C LEU A 133 -17.37 -5.53 -10.93
N GLN A 134 -17.88 -4.32 -10.73
CA GLN A 134 -18.89 -3.76 -11.63
C GLN A 134 -18.36 -2.64 -12.52
N TYR A 135 -19.12 -2.31 -13.56
CA TYR A 135 -18.70 -1.28 -14.49
C TYR A 135 -18.60 0.10 -13.84
N ASP A 136 -19.49 0.40 -12.91
CA ASP A 136 -19.47 1.70 -12.24
C ASP A 136 -18.63 1.72 -10.96
N ASP A 137 -17.95 0.63 -10.65
CA ASP A 137 -17.13 0.55 -9.44
C ASP A 137 -15.86 1.39 -9.50
N ILE A 138 -15.46 1.94 -8.35
CA ILE A 138 -14.21 2.68 -8.30
C ILE A 138 -13.35 1.87 -7.32
N CYS A 139 -12.45 1.07 -7.89
CA CYS A 139 -11.59 0.16 -7.13
C CYS A 139 -10.16 0.62 -6.84
N LYS A 140 -9.78 0.60 -5.57
CA LYS A 140 -8.42 1.00 -5.19
C LYS A 140 -7.51 -0.23 -5.02
N ILE A 141 -6.58 -0.41 -5.95
CA ILE A 141 -5.64 -1.53 -5.88
C ILE A 141 -4.40 -1.07 -5.10
N ASP A 142 -4.26 -1.59 -3.88
CA ASP A 142 -3.15 -1.22 -3.01
C ASP A 142 -2.41 -2.49 -2.59
N PHE A 143 -1.23 -2.70 -3.13
CA PHE A 143 -0.47 -3.89 -2.77
C PHE A 143 1.02 -3.59 -2.64
N GLY A 144 1.71 -4.43 -1.88
CA GLY A 144 3.13 -4.22 -1.67
C GLY A 144 3.99 -5.46 -1.80
N THR A 145 5.26 -5.21 -2.11
CA THR A 145 6.29 -6.24 -2.29
C THR A 145 7.46 -5.85 -1.41
N HIS A 146 8.29 -6.80 -1.02
CA HIS A 146 9.44 -6.48 -0.18
C HIS A 146 10.59 -7.44 -0.40
N ILE A 147 11.81 -6.94 -0.19
CA ILE A 147 13.01 -7.74 -0.28
C ILE A 147 13.69 -7.42 1.02
N SER A 148 13.94 -8.45 1.83
CA SER A 148 14.60 -8.24 3.11
C SER A 148 13.86 -7.21 3.96
N GLY A 149 12.53 -7.24 3.89
CA GLY A 149 11.74 -6.30 4.68
C GLY A 149 11.71 -4.88 4.18
N ARG A 150 12.40 -4.59 3.08
CA ARG A 150 12.39 -3.23 2.53
C ARG A 150 11.11 -3.15 1.72
N ILE A 151 10.06 -2.63 2.36
CA ILE A 151 8.74 -2.53 1.76
C ILE A 151 8.43 -1.45 0.72
N ILE A 152 7.79 -1.86 -0.38
CA ILE A 152 7.35 -0.94 -1.42
C ILE A 152 5.81 -0.88 -1.34
N ASP A 153 5.27 0.24 -0.84
CA ASP A 153 3.82 0.46 -0.70
C ASP A 153 3.46 1.42 -1.82
N CYS A 154 2.67 0.93 -2.78
CA CYS A 154 2.28 1.73 -3.93
C CYS A 154 0.87 1.28 -4.38
N ALA A 155 0.05 2.26 -4.76
CA ALA A 155 -1.30 1.95 -5.16
C ALA A 155 -1.90 2.92 -6.19
N PHE A 156 -2.93 2.43 -6.88
CA PHE A 156 -3.60 3.22 -7.89
C PHE A 156 -5.09 2.93 -7.87
N THR A 157 -5.86 3.73 -8.59
CA THR A 157 -7.30 3.55 -8.64
C THR A 157 -7.73 3.05 -10.00
N VAL A 158 -8.68 2.12 -10.00
CA VAL A 158 -9.18 1.54 -11.23
C VAL A 158 -10.65 1.91 -11.46
N THR A 159 -10.96 2.36 -12.68
CA THR A 159 -12.33 2.71 -13.04
C THR A 159 -12.56 2.24 -14.47
N PHE A 160 -13.82 2.26 -14.91
CA PHE A 160 -14.18 1.86 -16.26
C PHE A 160 -15.12 2.92 -16.82
N ASN A 161 -15.75 3.67 -15.93
CA ASN A 161 -16.65 4.73 -16.33
C ASN A 161 -15.87 6.05 -16.23
N PRO A 162 -15.72 6.77 -17.36
CA PRO A 162 -15.00 8.04 -17.37
C PRO A 162 -15.56 9.16 -16.49
N LYS A 163 -16.70 8.92 -15.86
CA LYS A 163 -17.28 9.94 -15.00
C LYS A 163 -16.41 10.24 -13.78
N TYR A 164 -15.47 9.34 -13.45
CA TYR A 164 -14.60 9.56 -12.30
C TYR A 164 -13.27 10.21 -12.72
N ASP A 165 -13.02 10.29 -14.02
CA ASP A 165 -11.76 10.85 -14.52
C ASP A 165 -11.27 12.06 -13.73
N THR A 166 -12.15 13.03 -13.49
CA THR A 166 -11.77 14.23 -12.76
C THR A 166 -11.43 13.94 -11.30
N LEU A 167 -12.16 13.02 -10.69
CA LEU A 167 -11.90 12.67 -9.30
C LEU A 167 -10.51 12.02 -9.19
N LEU A 168 -10.21 11.13 -10.15
CA LEU A 168 -8.93 10.43 -10.20
C LEU A 168 -7.77 11.41 -10.41
N LYS A 169 -7.95 12.33 -11.36
CA LYS A 169 -6.92 13.32 -11.66
C LYS A 169 -6.70 14.17 -10.43
N ALA A 170 -7.78 14.54 -9.75
CA ALA A 170 -7.65 15.36 -8.55
C ALA A 170 -6.74 14.70 -7.54
N VAL A 171 -6.99 13.43 -7.25
CA VAL A 171 -6.21 12.69 -6.28
C VAL A 171 -4.79 12.40 -6.78
N LYS A 172 -4.64 12.06 -8.06
CA LYS A 172 -3.32 11.80 -8.61
C LYS A 172 -2.47 13.06 -8.47
N ASP A 173 -3.06 14.19 -8.82
CA ASP A 173 -2.38 15.49 -8.75
C ASP A 173 -2.06 15.85 -7.29
N ALA A 174 -2.94 15.50 -6.37
CA ALA A 174 -2.71 15.79 -4.96
C ALA A 174 -1.55 14.94 -4.44
N THR A 175 -1.50 13.67 -4.84
CA THR A 175 -0.43 12.78 -4.40
C THR A 175 0.92 13.24 -4.94
N ASN A 176 0.99 13.57 -6.22
CA ASN A 176 2.26 14.03 -6.79
C ASN A 176 2.66 15.37 -6.17
N THR A 177 1.68 16.10 -5.64
CA THR A 177 1.97 17.39 -5.00
C THR A 177 2.57 17.09 -3.64
N GLY A 178 2.10 16.01 -3.01
CA GLY A 178 2.65 15.63 -1.71
C GLY A 178 4.05 15.09 -1.89
N ILE A 179 4.27 14.38 -2.99
CA ILE A 179 5.57 13.82 -3.29
C ILE A 179 6.59 14.94 -3.54
N LYS A 180 6.15 15.97 -4.27
CA LYS A 180 7.02 17.09 -4.58
C LYS A 180 7.37 17.94 -3.37
N CYS A 181 6.42 18.14 -2.48
CA CYS A 181 6.64 18.93 -1.28
C CYS A 181 7.41 18.16 -0.20
N ALA A 182 7.59 16.85 -0.38
CA ALA A 182 8.32 16.05 0.61
C ALA A 182 9.84 16.23 0.48
N GLY A 183 10.53 16.15 1.61
CA GLY A 183 11.97 16.29 1.61
C GLY A 183 12.58 16.38 3.01
N ILE A 184 13.91 16.42 3.09
CA ILE A 184 14.59 16.53 4.37
C ILE A 184 14.35 17.91 4.98
N ASP A 185 13.93 17.92 6.25
CA ASP A 185 13.63 19.14 7.01
C ASP A 185 12.29 19.76 6.64
N VAL A 186 11.58 19.12 5.72
CA VAL A 186 10.27 19.61 5.32
C VAL A 186 9.33 19.22 6.46
N ARG A 187 8.55 20.19 6.93
CA ARG A 187 7.60 19.95 8.02
C ARG A 187 6.44 19.11 7.51
N LEU A 188 6.09 18.06 8.23
CA LEU A 188 4.98 17.19 7.81
C LEU A 188 3.65 17.89 7.65
N CYS A 189 3.34 18.86 8.50
CA CYS A 189 2.06 19.55 8.37
C CYS A 189 2.01 20.41 7.11
N ASP A 190 3.18 20.75 6.57
CA ASP A 190 3.24 21.58 5.36
C ASP A 190 2.95 20.71 4.14
N VAL A 191 3.17 19.41 4.28
CA VAL A 191 2.91 18.49 3.18
C VAL A 191 1.40 18.27 3.13
N GLY A 192 0.79 18.12 4.30
CA GLY A 192 -0.65 17.92 4.37
C GLY A 192 -1.42 19.15 3.91
N GLU A 193 -0.91 20.33 4.25
CA GLU A 193 -1.56 21.58 3.87
C GLU A 193 -1.55 21.73 2.34
N ALA A 194 -0.42 21.37 1.75
CA ALA A 194 -0.24 21.46 0.31
C ALA A 194 -1.17 20.48 -0.42
N ILE A 195 -1.14 19.22 0.02
CA ILE A 195 -1.96 18.17 -0.57
C ILE A 195 -3.44 18.55 -0.61
N GLN A 196 -3.95 19.08 0.49
CA GLN A 196 -5.35 19.49 0.57
C GLN A 196 -5.65 20.66 -0.36
N GLU A 197 -4.80 21.69 -0.34
CA GLU A 197 -5.03 22.85 -1.20
C GLU A 197 -5.20 22.49 -2.67
N VAL A 198 -4.46 21.49 -3.14
CA VAL A 198 -4.54 21.05 -4.53
C VAL A 198 -5.80 20.19 -4.71
N MET A 199 -6.02 19.30 -3.77
CA MET A 199 -7.17 18.40 -3.78
C MET A 199 -8.48 19.20 -3.86
N GLU A 200 -8.63 20.19 -3.01
CA GLU A 200 -9.86 20.98 -2.99
C GLU A 200 -9.92 22.03 -4.10
N SER A 201 -8.88 22.07 -4.94
CA SER A 201 -8.89 23.01 -6.04
C SER A 201 -9.67 22.35 -7.18
N TYR A 202 -10.03 21.09 -6.99
CA TYR A 202 -10.79 20.33 -7.98
C TYR A 202 -12.28 20.28 -7.65
N GLU A 203 -13.09 20.25 -8.71
CA GLU A 203 -14.54 20.15 -8.53
C GLU A 203 -14.96 19.10 -9.57
N VAL A 204 -15.90 18.24 -9.21
CA VAL A 204 -16.30 17.19 -10.13
C VAL A 204 -17.81 17.02 -10.20
N GLU A 205 -18.27 16.42 -11.28
CA GLU A 205 -19.67 16.15 -11.46
C GLU A 205 -19.82 14.68 -11.75
N ILE A 206 -20.63 13.99 -10.95
CA ILE A 206 -20.88 12.57 -11.11
C ILE A 206 -22.37 12.30 -10.97
N ASP A 207 -22.97 11.82 -12.06
CA ASP A 207 -24.41 11.54 -12.09
C ASP A 207 -25.22 12.78 -11.70
N GLY A 208 -25.13 13.81 -12.52
CA GLY A 208 -25.87 15.05 -12.28
C GLY A 208 -25.66 15.84 -10.99
N LYS A 209 -24.64 15.49 -10.22
CA LYS A 209 -24.37 16.19 -8.96
C LYS A 209 -22.91 16.62 -8.94
N THR A 210 -22.62 17.76 -8.33
CA THR A 210 -21.25 18.25 -8.28
C THR A 210 -20.68 18.21 -6.88
N TYR A 211 -19.37 17.95 -6.79
CA TYR A 211 -18.70 17.88 -5.51
C TYR A 211 -17.36 18.57 -5.59
N GLN A 212 -16.90 19.09 -4.46
CA GLN A 212 -15.57 19.66 -4.42
C GLN A 212 -14.81 18.52 -3.78
N VAL A 213 -13.87 17.92 -4.50
CA VAL A 213 -13.12 16.81 -3.93
C VAL A 213 -12.61 17.22 -2.56
N LYS A 214 -12.62 16.30 -1.60
CA LYS A 214 -12.12 16.61 -0.28
C LYS A 214 -11.24 15.47 0.20
N PRO A 215 -10.15 15.80 0.92
CA PRO A 215 -9.25 14.75 1.42
C PRO A 215 -9.94 13.99 2.55
N ILE A 216 -9.59 12.73 2.73
CA ILE A 216 -10.17 11.95 3.83
C ILE A 216 -9.23 12.27 4.99
N ARG A 217 -9.66 13.22 5.81
CA ARG A 217 -8.84 13.71 6.92
C ARG A 217 -8.26 12.70 7.90
N ASN A 218 -8.96 11.59 8.15
CA ASN A 218 -8.44 10.59 9.09
C ASN A 218 -7.64 9.47 8.43
N LEU A 219 -7.24 9.67 7.17
CA LEU A 219 -6.41 8.71 6.45
C LEU A 219 -5.11 9.47 6.16
N ASN A 220 -4.02 8.78 5.88
CA ASN A 220 -2.77 9.50 5.66
C ASN A 220 -1.58 8.70 5.17
N GLY A 221 -0.51 9.43 4.87
CA GLY A 221 0.73 8.82 4.43
C GLY A 221 1.46 8.30 5.65
N HIS A 222 2.59 7.63 5.46
CA HIS A 222 3.30 7.09 6.61
C HIS A 222 4.74 6.70 6.35
N SER A 223 5.55 6.73 7.40
CA SER A 223 6.95 6.36 7.28
C SER A 223 6.96 4.83 7.25
N ILE A 224 7.97 4.29 6.58
CA ILE A 224 8.12 2.84 6.46
C ILE A 224 9.41 2.38 7.14
N GLY A 225 9.31 1.30 7.90
CA GLY A 225 10.48 0.75 8.56
C GLY A 225 10.71 -0.68 8.08
N GLN A 226 11.83 -1.29 8.42
CA GLN A 226 12.08 -2.65 7.97
C GLN A 226 11.03 -3.60 8.55
N TYR A 227 10.29 -4.27 7.67
CA TYR A 227 9.23 -5.21 8.04
C TYR A 227 8.14 -4.51 8.86
N ARG A 228 8.02 -3.20 8.68
CA ARG A 228 7.01 -2.43 9.41
C ARG A 228 6.36 -1.39 8.50
N ILE A 229 5.24 -1.77 7.90
CA ILE A 229 4.51 -0.90 6.97
C ILE A 229 4.25 0.53 7.48
N HIS A 230 3.95 0.69 8.77
CA HIS A 230 3.74 2.01 9.36
C HIS A 230 4.73 2.20 10.51
N ALA A 231 5.90 2.74 10.18
CA ALA A 231 6.99 2.96 11.13
C ALA A 231 6.71 3.80 12.38
N GLY A 232 5.91 4.85 12.24
CA GLY A 232 5.62 5.67 13.40
C GLY A 232 5.22 7.10 13.09
N LYS A 233 5.70 7.63 11.97
CA LYS A 233 5.36 8.99 11.56
C LYS A 233 4.21 8.98 10.55
N THR A 234 3.35 10.00 10.60
CA THR A 234 2.23 10.08 9.68
C THR A 234 2.32 11.33 8.80
N VAL A 235 1.85 11.22 7.56
CA VAL A 235 1.85 12.35 6.62
C VAL A 235 0.38 12.70 6.42
N PRO A 236 -0.09 13.82 6.96
CA PRO A 236 -1.50 14.19 6.80
C PRO A 236 -1.84 14.61 5.37
N ILE A 237 -3.13 14.56 5.03
CA ILE A 237 -3.56 14.98 3.71
C ILE A 237 -4.51 16.15 3.85
N ILE A 238 -4.37 16.84 4.99
CA ILE A 238 -5.16 18.02 5.33
C ILE A 238 -4.31 18.90 6.26
N LYS A 239 -4.72 20.16 6.41
CA LYS A 239 -4.04 21.13 7.26
C LYS A 239 -4.18 20.76 8.74
N GLY A 240 -3.45 21.47 9.61
CA GLY A 240 -3.54 21.21 11.04
C GLY A 240 -2.83 19.96 11.54
N GLY A 241 -1.71 19.59 10.91
CA GLY A 241 -0.98 18.41 11.35
C GLY A 241 0.19 18.76 12.23
N GLU A 242 0.97 17.76 12.64
CA GLU A 242 2.15 17.96 13.49
C GLU A 242 3.23 18.69 12.69
N ALA A 243 4.06 19.47 13.38
CA ALA A 243 5.12 20.21 12.70
C ALA A 243 6.38 19.35 12.62
N THR A 244 6.27 18.10 13.04
CA THR A 244 7.42 17.21 12.99
C THR A 244 7.98 17.18 11.58
N ARG A 245 9.30 17.14 11.47
CA ARG A 245 9.96 17.14 10.17
C ARG A 245 10.36 15.76 9.66
N MET A 246 10.56 15.69 8.35
CA MET A 246 10.99 14.46 7.69
C MET A 246 12.51 14.48 7.86
N GLU A 247 13.11 13.34 8.18
CA GLU A 247 14.55 13.29 8.39
C GLU A 247 15.30 12.60 7.27
N GLU A 248 16.62 12.86 7.24
CA GLU A 248 17.49 12.27 6.24
C GLU A 248 17.51 10.76 6.39
N GLY A 249 17.37 10.06 5.28
CA GLY A 249 17.41 8.60 5.29
C GLY A 249 16.10 7.86 5.54
N GLU A 250 15.02 8.59 5.83
CA GLU A 250 13.74 7.96 6.08
C GLU A 250 13.06 7.53 4.79
N VAL A 251 12.17 6.56 4.89
CA VAL A 251 11.40 6.06 3.75
C VAL A 251 9.96 6.41 4.05
N TYR A 252 9.27 7.01 3.08
CA TYR A 252 7.88 7.40 3.29
C TYR A 252 6.91 6.89 2.24
N ALA A 253 5.70 6.57 2.71
CA ALA A 253 4.66 6.15 1.81
C ALA A 253 3.79 7.39 1.65
N ILE A 254 3.84 8.00 0.47
CA ILE A 254 3.04 9.19 0.23
C ILE A 254 1.72 8.76 -0.42
N GLU A 255 0.62 8.84 0.32
CA GLU A 255 -0.68 8.46 -0.22
C GLU A 255 -1.77 9.43 0.17
N THR A 256 -2.62 9.78 -0.78
CA THR A 256 -3.72 10.69 -0.50
C THR A 256 -5.03 10.02 -0.94
N PHE A 257 -6.12 10.42 -0.32
CA PHE A 257 -7.42 9.86 -0.66
C PHE A 257 -8.42 10.99 -0.89
N GLY A 258 -9.14 10.91 -2.00
CA GLY A 258 -10.14 11.92 -2.33
C GLY A 258 -11.52 11.31 -2.21
N SER A 259 -12.50 12.07 -1.74
CA SER A 259 -13.85 11.54 -1.58
C SER A 259 -14.98 12.54 -1.80
N THR A 260 -16.12 12.03 -2.27
CA THR A 260 -17.27 12.88 -2.48
C THR A 260 -18.19 12.79 -1.27
N GLY A 261 -17.72 12.14 -0.21
CA GLY A 261 -18.54 12.01 0.99
C GLY A 261 -18.21 13.01 2.08
N LYS A 262 -18.07 12.51 3.30
CA LYS A 262 -17.77 13.34 4.47
C LYS A 262 -16.28 13.63 4.60
N GLY A 263 -15.45 12.85 3.93
CA GLY A 263 -14.02 13.08 4.03
C GLY A 263 -13.48 12.43 5.30
N VAL A 264 -14.22 11.43 5.79
CA VAL A 264 -13.81 10.71 6.99
C VAL A 264 -14.19 9.25 6.81
N VAL A 265 -13.34 8.34 7.25
CA VAL A 265 -13.64 6.91 7.15
C VAL A 265 -13.91 6.29 8.52
N HIS A 266 -14.67 5.22 8.51
CA HIS A 266 -15.00 4.49 9.73
C HIS A 266 -14.90 2.98 9.47
N ASP A 267 -14.71 2.20 10.53
CA ASP A 267 -14.62 0.74 10.43
C ASP A 267 -15.93 0.21 9.88
N ASP A 268 -15.87 -0.70 8.92
CA ASP A 268 -17.09 -1.25 8.35
C ASP A 268 -16.81 -2.57 7.66
N MET A 269 -17.86 -3.37 7.49
CA MET A 269 -17.77 -4.69 6.85
C MET A 269 -16.90 -5.66 7.64
N GLU A 270 -16.80 -6.89 7.16
CA GLU A 270 -15.98 -7.89 7.83
C GLU A 270 -14.51 -7.55 7.73
N CYS A 271 -13.73 -8.00 8.70
CA CYS A 271 -12.30 -7.71 8.71
C CYS A 271 -11.55 -8.81 7.97
N SER A 272 -10.50 -8.44 7.26
CA SER A 272 -9.72 -9.39 6.51
C SER A 272 -8.23 -9.17 6.75
N HIS A 273 -7.87 -7.95 7.10
CA HIS A 273 -6.48 -7.57 7.36
C HIS A 273 -6.13 -7.71 8.82
N TYR A 274 -4.96 -8.29 9.08
CA TYR A 274 -4.47 -8.47 10.45
C TYR A 274 -2.97 -8.26 10.42
N MET A 275 -2.42 -7.86 11.56
CA MET A 275 -0.99 -7.66 11.66
C MET A 275 -0.51 -7.74 13.09
N LYS A 276 0.61 -8.41 13.30
CA LYS A 276 1.17 -8.57 14.63
C LYS A 276 1.63 -7.21 15.14
N ASN A 277 1.46 -6.97 16.44
CA ASN A 277 1.88 -5.70 17.01
C ASN A 277 3.41 -5.69 17.05
N PHE A 278 3.99 -4.80 16.25
CA PHE A 278 5.44 -4.66 16.13
C PHE A 278 6.21 -4.53 17.46
N ASP A 279 5.56 -3.96 18.46
CA ASP A 279 6.21 -3.76 19.75
C ASP A 279 6.06 -4.89 20.75
N VAL A 280 5.07 -5.76 20.55
CA VAL A 280 4.88 -6.87 21.48
C VAL A 280 6.02 -7.87 21.37
N GLY A 281 6.40 -8.46 22.50
CA GLY A 281 7.48 -9.44 22.50
C GLY A 281 6.94 -10.85 22.60
N HIS A 282 7.81 -11.80 22.93
CA HIS A 282 7.42 -13.19 23.06
C HIS A 282 6.34 -13.37 24.11
N VAL A 283 5.32 -14.14 23.74
CA VAL A 283 4.20 -14.44 24.63
C VAL A 283 4.00 -15.95 24.58
N PRO A 284 4.25 -16.64 25.71
CA PRO A 284 4.08 -18.10 25.76
C PRO A 284 2.59 -18.41 25.81
N ILE A 285 2.12 -19.24 24.89
CA ILE A 285 0.70 -19.61 24.83
C ILE A 285 0.54 -21.13 24.96
N ARG A 286 -0.22 -21.56 25.96
CA ARG A 286 -0.45 -22.99 26.15
C ARG A 286 -1.66 -23.46 25.34
N LEU A 287 -2.62 -22.57 25.10
CA LEU A 287 -3.81 -22.91 24.32
C LEU A 287 -3.36 -23.44 22.96
N PRO A 288 -3.59 -24.75 22.71
CA PRO A 288 -3.22 -25.43 21.47
C PRO A 288 -3.42 -24.67 20.16
N ARG A 289 -4.68 -24.38 19.82
CA ARG A 289 -5.00 -23.70 18.57
C ARG A 289 -4.46 -22.29 18.43
N THR A 290 -4.49 -21.54 19.53
CA THR A 290 -4.01 -20.16 19.54
C THR A 290 -2.49 -20.15 19.41
N LYS A 291 -1.84 -21.07 20.11
CA LYS A 291 -0.40 -21.21 20.10
C LYS A 291 0.08 -21.58 18.70
N HIS A 292 -0.66 -22.47 18.04
CA HIS A 292 -0.29 -22.91 16.69
C HIS A 292 -0.42 -21.79 15.69
N LEU A 293 -1.53 -21.07 15.75
CA LEU A 293 -1.76 -19.97 14.82
C LEU A 293 -0.68 -18.91 14.94
N LEU A 294 -0.31 -18.57 16.17
CA LEU A 294 0.73 -17.55 16.38
C LEU A 294 2.06 -18.02 15.77
N ASN A 295 2.39 -19.29 15.96
CA ASN A 295 3.64 -19.80 15.40
C ASN A 295 3.59 -19.67 13.88
N VAL A 296 2.43 -19.93 13.28
CA VAL A 296 2.27 -19.83 11.82
C VAL A 296 2.46 -18.38 11.40
N ILE A 297 1.92 -17.45 12.16
CA ILE A 297 2.08 -16.03 11.82
C ILE A 297 3.55 -15.63 11.94
N ASN A 298 4.21 -16.04 13.02
CA ASN A 298 5.62 -15.70 13.19
C ASN A 298 6.53 -16.26 12.09
N GLU A 299 6.28 -17.50 11.68
CA GLU A 299 7.07 -18.16 10.64
C GLU A 299 6.85 -17.60 9.23
N ASN A 300 5.59 -17.28 8.93
CA ASN A 300 5.20 -16.82 7.61
C ASN A 300 5.10 -15.32 7.39
N PHE A 301 4.68 -14.57 8.42
CA PHE A 301 4.52 -13.14 8.25
C PHE A 301 5.37 -12.27 9.16
N GLY A 302 5.73 -12.76 10.34
CA GLY A 302 6.51 -11.93 11.24
C GLY A 302 5.65 -10.72 11.55
N THR A 303 6.20 -9.51 11.38
CA THR A 303 5.43 -8.30 11.63
C THR A 303 4.72 -7.77 10.40
N LEU A 304 4.81 -8.49 9.30
CA LEU A 304 4.15 -8.08 8.06
C LEU A 304 2.67 -8.40 8.14
N ALA A 305 1.84 -7.52 7.58
CA ALA A 305 0.39 -7.73 7.60
C ALA A 305 0.01 -8.93 6.74
N PHE A 306 -1.14 -9.51 7.03
CA PHE A 306 -1.62 -10.67 6.27
C PHE A 306 -3.15 -10.65 6.25
N CYS A 307 -3.75 -11.60 5.55
CA CYS A 307 -5.20 -11.70 5.49
C CYS A 307 -5.65 -13.15 5.73
N ARG A 308 -6.93 -13.36 5.98
CA ARG A 308 -7.41 -14.72 6.21
C ARG A 308 -7.14 -15.64 5.02
N ARG A 309 -7.14 -15.08 3.82
CA ARG A 309 -6.90 -15.89 2.64
C ARG A 309 -5.49 -16.49 2.66
N TRP A 310 -4.54 -15.75 3.22
CA TRP A 310 -3.17 -16.21 3.28
C TRP A 310 -2.98 -17.31 4.32
N LEU A 311 -3.96 -17.44 5.20
CA LEU A 311 -3.95 -18.48 6.22
C LEU A 311 -4.60 -19.73 5.60
N ASP A 312 -5.73 -19.55 4.90
CA ASP A 312 -6.39 -20.68 4.25
C ASP A 312 -5.39 -21.34 3.33
N ARG A 313 -4.70 -20.49 2.56
CA ARG A 313 -3.68 -20.90 1.59
C ARG A 313 -2.66 -21.86 2.20
N LEU A 314 -2.28 -21.59 3.45
CA LEU A 314 -1.30 -22.40 4.15
C LEU A 314 -1.92 -23.64 4.79
N GLY A 315 -3.17 -23.93 4.46
CA GLY A 315 -3.82 -25.10 5.00
C GLY A 315 -4.49 -24.96 6.35
N GLU A 316 -4.49 -23.75 6.90
CA GLU A 316 -5.13 -23.53 8.20
C GLU A 316 -6.64 -23.46 8.06
N SER A 317 -7.35 -23.98 9.07
CA SER A 317 -8.80 -23.98 9.10
C SER A 317 -9.23 -23.92 10.56
N LYS A 318 -10.46 -23.48 10.85
CA LYS A 318 -10.87 -23.40 12.24
C LYS A 318 -9.78 -22.61 12.95
N TYR A 319 -9.61 -21.36 12.54
CA TYR A 319 -8.58 -20.50 13.14
C TYR A 319 -9.11 -19.14 13.57
N LEU A 320 -10.37 -18.85 13.25
CA LEU A 320 -10.97 -17.57 13.61
C LEU A 320 -10.95 -17.28 15.11
N MET A 321 -11.32 -18.27 15.92
CA MET A 321 -11.31 -18.07 17.36
C MET A 321 -9.89 -17.85 17.85
N ALA A 322 -8.95 -18.65 17.34
CA ALA A 322 -7.54 -18.50 17.71
C ALA A 322 -7.08 -17.08 17.38
N LEU A 323 -7.48 -16.61 16.19
CA LEU A 323 -7.12 -15.27 15.72
C LEU A 323 -7.70 -14.21 16.64
N LYS A 324 -8.96 -14.40 17.06
CA LYS A 324 -9.60 -13.45 17.95
C LYS A 324 -8.87 -13.40 19.29
N ASN A 325 -8.38 -14.54 19.76
CA ASN A 325 -7.65 -14.58 21.04
C ASN A 325 -6.42 -13.70 20.92
N LEU A 326 -5.66 -13.92 19.85
CA LEU A 326 -4.46 -13.15 19.58
C LEU A 326 -4.78 -11.66 19.57
N CYS A 327 -5.89 -11.29 18.94
CA CYS A 327 -6.27 -9.88 18.90
C CYS A 327 -6.63 -9.41 20.31
N ASP A 328 -7.43 -10.20 21.03
CA ASP A 328 -7.81 -9.84 22.39
C ASP A 328 -6.58 -9.75 23.30
N LEU A 329 -5.56 -10.55 23.00
CA LEU A 329 -4.35 -10.53 23.79
C LEU A 329 -3.48 -9.32 23.45
N GLY A 330 -3.76 -8.66 22.33
CA GLY A 330 -2.98 -7.50 21.94
C GLY A 330 -1.74 -7.89 21.14
N ILE A 331 -1.63 -9.16 20.79
CA ILE A 331 -0.52 -9.71 20.03
C ILE A 331 -0.73 -9.45 18.55
N VAL A 332 -1.99 -9.50 18.13
CA VAL A 332 -2.35 -9.24 16.75
C VAL A 332 -3.38 -8.12 16.72
N ASP A 333 -3.28 -7.24 15.73
CA ASP A 333 -4.22 -6.14 15.62
C ASP A 333 -5.02 -6.25 14.33
N PRO A 334 -6.35 -6.15 14.42
CA PRO A 334 -7.20 -6.24 13.23
C PRO A 334 -7.23 -4.88 12.52
N TYR A 335 -7.36 -4.91 11.20
CA TYR A 335 -7.43 -3.69 10.40
C TYR A 335 -8.60 -3.80 9.45
N PRO A 336 -9.82 -3.56 9.95
CA PRO A 336 -11.04 -3.65 9.15
C PRO A 336 -11.13 -2.57 8.08
N PRO A 337 -11.96 -2.81 7.04
CA PRO A 337 -12.13 -1.85 5.96
C PRO A 337 -12.52 -0.48 6.52
N LEU A 338 -11.97 0.57 5.92
CA LEU A 338 -12.23 1.96 6.31
C LEU A 338 -13.03 2.58 5.17
N CYS A 339 -14.31 2.87 5.43
CA CYS A 339 -15.20 3.42 4.41
C CYS A 339 -15.82 4.76 4.76
N ASP A 340 -16.15 5.55 3.74
CA ASP A 340 -16.79 6.84 3.94
C ASP A 340 -18.28 6.48 3.92
N ILE A 341 -19.16 7.48 4.03
CA ILE A 341 -20.60 7.21 4.04
C ILE A 341 -21.08 6.52 2.77
N LYS A 342 -22.16 5.76 2.88
CA LYS A 342 -22.75 5.04 1.77
C LYS A 342 -23.14 6.02 0.67
N GLY A 343 -22.88 5.64 -0.58
CA GLY A 343 -23.22 6.52 -1.69
C GLY A 343 -22.08 7.37 -2.22
N SER A 344 -21.03 7.54 -1.43
CA SER A 344 -19.88 8.35 -1.84
C SER A 344 -18.84 7.56 -2.61
N TYR A 345 -17.97 8.30 -3.29
CA TYR A 345 -16.90 7.72 -4.08
C TYR A 345 -15.57 8.19 -3.54
N THR A 346 -14.62 7.26 -3.43
CA THR A 346 -13.29 7.59 -2.96
C THR A 346 -12.26 7.10 -3.96
N ALA A 347 -11.11 7.76 -3.99
CA ALA A 347 -10.02 7.43 -4.90
C ALA A 347 -8.69 7.56 -4.16
N GLN A 348 -7.68 6.77 -4.57
CA GLN A 348 -6.36 6.79 -3.92
C GLN A 348 -5.18 6.62 -4.89
N PHE A 349 -4.04 7.20 -4.53
CA PHE A 349 -2.80 7.07 -5.29
C PHE A 349 -1.68 7.09 -4.24
N GLU A 350 -0.76 6.13 -4.34
CA GLU A 350 0.32 6.02 -3.37
C GLU A 350 1.64 5.60 -4.01
N HIS A 351 2.72 6.21 -3.53
CA HIS A 351 4.07 5.89 -3.99
C HIS A 351 4.95 5.84 -2.74
N THR A 352 6.05 5.13 -2.84
CA THR A 352 7.00 5.03 -1.75
C THR A 352 8.19 5.84 -2.22
N ILE A 353 8.71 6.70 -1.34
CA ILE A 353 9.85 7.55 -1.67
C ILE A 353 10.98 7.32 -0.66
N LEU A 354 12.22 7.46 -1.12
CA LEU A 354 13.39 7.28 -0.26
C LEU A 354 14.05 8.63 -0.01
N LEU A 355 14.24 9.01 1.24
CA LEU A 355 14.88 10.28 1.55
C LEU A 355 16.41 10.07 1.64
N ARG A 356 17.03 9.81 0.49
CA ARG A 356 18.47 9.57 0.39
C ARG A 356 19.24 10.85 0.68
N PRO A 357 20.52 10.72 1.09
CA PRO A 357 21.35 11.89 1.39
C PRO A 357 21.55 12.83 0.19
N THR A 358 21.75 12.26 -0.99
CA THR A 358 21.99 13.04 -2.20
C THR A 358 20.74 13.43 -2.99
N CYS A 359 19.57 12.92 -2.61
CA CYS A 359 18.35 13.25 -3.34
C CYS A 359 17.08 12.57 -2.80
N LYS A 360 15.99 12.78 -3.53
CA LYS A 360 14.70 12.20 -3.18
C LYS A 360 14.31 11.28 -4.33
N GLU A 361 14.20 9.98 -4.06
CA GLU A 361 13.85 9.04 -5.12
C GLU A 361 12.44 8.46 -4.94
N VAL A 362 11.60 8.70 -5.94
CA VAL A 362 10.25 8.15 -5.93
C VAL A 362 10.49 6.79 -6.58
N VAL A 363 11.04 5.88 -5.78
CA VAL A 363 11.40 4.53 -6.21
C VAL A 363 10.32 3.68 -6.87
N SER A 364 9.06 3.90 -6.53
CA SER A 364 7.97 3.13 -7.13
C SER A 364 7.37 3.80 -8.38
N ARG A 365 7.94 4.93 -8.79
CA ARG A 365 7.44 5.64 -9.96
C ARG A 365 7.52 4.79 -11.21
N GLY A 366 6.51 4.88 -12.05
CA GLY A 366 6.51 4.09 -13.27
C GLY A 366 6.05 4.93 -14.43
N ASP A 367 6.01 4.34 -15.62
CA ASP A 367 5.57 5.06 -16.81
C ASP A 367 4.06 5.28 -16.68
N ASP A 368 3.41 4.40 -15.93
CA ASP A 368 1.96 4.47 -15.72
C ASP A 368 1.51 5.62 -14.83
N TYR A 369 2.18 5.80 -13.69
CA TYR A 369 1.82 6.89 -12.76
C TYR A 369 2.92 6.98 -11.71
CO CO B . -0.72 1.22 0.37
CO CO C . 0.41 3.22 2.71
C1 R20 D . -1.79 -1.17 5.37
C2 R20 D . -1.44 -0.30 4.23
C3 R20 D . -1.48 -0.78 6.71
C4 R20 D . -2.41 -2.44 5.16
C5 R20 D . -1.55 -0.45 2.85
C7 R20 D . -1.82 -1.63 7.82
C8 R20 D . -2.75 -3.28 6.27
C11 R20 D . -2.43 -2.87 7.60
C12 R20 D . -1.50 -1.19 9.23
N6 R20 D . -0.91 0.98 4.35
N9 R20 D . -1.10 0.68 2.22
N10 R20 D . -0.70 1.56 3.15
#